data_7JQE
#
_entry.id   7JQE
#
_cell.length_a   74.466
_cell.length_b   248.235
_cell.length_c   81.095
_cell.angle_alpha   90.000
_cell.angle_beta   90.000
_cell.angle_gamma   90.000
#
_symmetry.space_group_name_H-M   'C 2 2 21'
#
loop_
_entity.id
_entity.type
_entity.pdbx_description
1 polymer 'ESAT-6/WXG100 secretion system protein'
2 non-polymer 'CHLORIDE ION'
3 non-polymer 1,2-ETHANEDIOL
4 water water
#
_entity_poly.entity_id   1
_entity_poly.type   'polypeptide(L)'
_entity_poly.pdbx_seq_one_letter_code
;(MSE)VSSISELLNSTSSGLNSELPEVKSFVDLQQDIAKTNVATANTAISDQYQTDTELYDALNSNILSSLSSFYTSTSD
ITTESTSNGTVYKLFENQITAYNEEVENYRSKVENARTELSDLLEEVKATRSKVSNQYFNSDLALDINSYFATTNQEERK
LAIKIDLLNQVTDDSVKSALANQIQESLGGTLPSEYETEIASL(MSE)GSVDVAASDYATLFSKLEE(MSE)GA(MSE)T
SDEVSDYQSKLALLGKYKSAKGVTTVSGATYSFLTAEDAKPEQSNVISVDVAPTSTQIITTTTSSTSEDESNTDDTSSNS
SEGNEQETTPTTTENTETKEDPTTVTISNVSGGTVVFADDNSVSKTISKAQSLKISYTFDSLSVGTHTITLDLNIGDNRI
P(MSE)TYTIYVTDTADDVSLVKDDLKTIFAQLSKIDTASA(MSE)IQTLYGEPGQTDLSQIDITNPSANSVAN(MSE)Y
GNLTFDNIDGLDVTNFKESGVTLYTELTNEIIELQSTIDSLPTLPEGY(MSE)PTDYFSTELQSLVNWYNTTSQSLNNEY
AKWSQNQAKELNVGSYGSGTSDNSTLYTDTASGDALYDGISELVKSTADSAQSTTSNYEAIGT(MSE)TDDFLEHHHHHH
;
_entity_poly.pdbx_strand_id   A
#
# COMPACT_ATOMS: atom_id res chain seq x y z
N THR A 96 -86.01 40.40 -30.29
CA THR A 96 -87.07 39.59 -29.70
C THR A 96 -86.57 38.85 -28.47
N ALA A 97 -86.18 37.60 -28.67
CA ALA A 97 -85.68 36.77 -27.58
C ALA A 97 -84.67 35.73 -28.10
N TYR A 98 -84.73 35.42 -29.40
CA TYR A 98 -83.78 34.48 -29.97
C TYR A 98 -82.49 35.17 -30.38
N ASN A 99 -82.55 36.45 -30.75
CA ASN A 99 -81.37 37.22 -31.13
C ASN A 99 -81.14 38.42 -30.22
N GLU A 100 -82.05 38.69 -29.27
CA GLU A 100 -81.91 39.80 -28.35
C GLU A 100 -81.05 39.44 -27.14
N GLU A 101 -81.28 38.28 -26.54
CA GLU A 101 -80.52 37.84 -25.38
C GLU A 101 -79.92 36.45 -25.55
N VAL A 102 -80.27 35.72 -26.61
CA VAL A 102 -79.74 34.39 -26.82
C VAL A 102 -78.32 34.44 -27.38
N GLU A 103 -77.97 35.49 -28.12
CA GLU A 103 -76.61 35.61 -28.65
C GLU A 103 -75.58 35.62 -27.54
N ASN A 104 -75.94 36.14 -26.36
CA ASN A 104 -75.03 36.10 -25.22
C ASN A 104 -74.76 34.67 -24.78
N TYR A 105 -75.75 33.79 -24.92
CA TYR A 105 -75.55 32.39 -24.55
C TYR A 105 -74.50 31.74 -25.43
N ARG A 106 -74.60 31.92 -26.74
CA ARG A 106 -73.64 31.31 -27.65
C ARG A 106 -72.26 31.94 -27.51
N SER A 107 -72.21 33.26 -27.27
CA SER A 107 -70.92 33.93 -27.12
C SER A 107 -70.18 33.43 -25.88
N LYS A 108 -70.92 33.19 -24.79
CA LYS A 108 -70.29 32.63 -23.59
C LYS A 108 -69.80 31.21 -23.83
N VAL A 109 -70.60 30.40 -24.53
CA VAL A 109 -70.16 29.06 -24.88
C VAL A 109 -68.87 29.11 -25.70
N GLU A 110 -68.82 30.02 -26.68
CA GLU A 110 -67.60 30.17 -27.47
C GLU A 110 -66.45 30.73 -26.65
N ASN A 111 -66.75 31.59 -25.67
CA ASN A 111 -65.70 32.09 -24.79
C ASN A 111 -65.17 30.97 -23.90
N ALA A 112 -66.04 30.06 -23.49
CA ALA A 112 -65.58 28.88 -22.75
C ALA A 112 -64.74 27.98 -23.64
N ARG A 113 -65.11 27.87 -24.91
CA ARG A 113 -64.34 27.05 -25.84
C ARG A 113 -62.93 27.58 -26.02
N THR A 114 -62.79 28.91 -26.09
CA THR A 114 -61.46 29.50 -26.27
C THR A 114 -60.65 29.41 -24.98
N GLU A 115 -61.30 29.54 -23.82
CA GLU A 115 -60.60 29.34 -22.55
C GLU A 115 -60.02 27.93 -22.48
N LEU A 116 -60.82 26.92 -22.81
CA LEU A 116 -60.34 25.55 -22.76
C LEU A 116 -59.19 25.32 -23.73
N SER A 117 -59.23 25.97 -24.90
CA SER A 117 -58.13 25.83 -25.85
C SER A 117 -56.83 26.38 -25.29
N ASP A 118 -56.91 27.43 -24.47
CA ASP A 118 -55.71 27.94 -23.81
C ASP A 118 -55.27 27.01 -22.69
N LEU A 119 -56.22 26.51 -21.89
CA LEU A 119 -55.88 25.54 -20.86
C LEU A 119 -55.18 24.33 -21.46
N LEU A 120 -55.62 23.90 -22.66
CA LEU A 120 -55.01 22.74 -23.29
C LEU A 120 -53.51 22.93 -23.46
N GLU A 121 -53.09 24.10 -23.93
CA GLU A 121 -51.66 24.33 -24.16
C GLU A 121 -50.89 24.33 -22.85
N GLU A 122 -51.47 24.91 -21.79
CA GLU A 122 -50.83 24.85 -20.48
C GLU A 122 -50.63 23.41 -20.03
N VAL A 123 -51.60 22.55 -20.31
CA VAL A 123 -51.48 21.14 -19.94
C VAL A 123 -50.41 20.46 -20.79
N LYS A 124 -50.28 20.85 -22.05
CA LYS A 124 -49.24 20.28 -22.90
C LYS A 124 -47.86 20.65 -22.37
N ALA A 125 -47.71 21.87 -21.85
CA ALA A 125 -46.41 22.34 -21.39
C ALA A 125 -45.97 21.61 -20.13
N THR A 126 -46.90 21.39 -19.18
CA THR A 126 -46.56 20.66 -17.97
C THR A 126 -46.29 19.19 -18.27
N ARG A 127 -47.01 18.62 -19.23
CA ARG A 127 -46.71 17.25 -19.64
C ARG A 127 -45.30 17.15 -20.20
N SER A 128 -44.84 18.22 -20.86
CA SER A 128 -43.46 18.25 -21.35
C SER A 128 -42.46 18.25 -20.20
N LYS A 129 -42.68 19.10 -19.20
CA LYS A 129 -41.79 19.14 -18.04
C LYS A 129 -41.76 17.81 -17.32
N VAL A 130 -42.90 17.12 -17.26
CA VAL A 130 -42.92 15.80 -16.63
C VAL A 130 -42.05 14.83 -17.43
N SER A 131 -42.08 14.94 -18.77
CA SER A 131 -41.30 14.03 -19.60
C SER A 131 -39.80 14.27 -19.44
N ASN A 132 -39.40 15.54 -19.29
CA ASN A 132 -37.98 15.84 -19.11
C ASN A 132 -37.46 15.33 -17.77
N GLN A 133 -38.28 15.43 -16.73
CA GLN A 133 -37.84 15.00 -15.40
C GLN A 133 -37.55 13.50 -15.37
N TYR A 134 -38.46 12.69 -15.92
CA TYR A 134 -38.42 11.24 -15.75
C TYR A 134 -37.80 10.50 -16.92
N PHE A 135 -37.93 11.02 -18.14
CA PHE A 135 -37.46 10.31 -19.33
C PHE A 135 -36.22 10.94 -19.94
N ASN A 136 -35.83 12.14 -19.52
CA ASN A 136 -34.62 12.84 -19.93
C ASN A 136 -34.78 13.50 -21.30
N SER A 137 -35.95 13.42 -21.92
CA SER A 137 -36.24 14.15 -23.14
C SER A 137 -37.73 14.49 -23.15
N ASP A 138 -38.21 15.05 -24.25
CA ASP A 138 -39.62 15.41 -24.42
C ASP A 138 -40.20 14.51 -25.50
N LEU A 139 -40.85 13.43 -25.08
CA LEU A 139 -41.40 12.48 -26.04
C LEU A 139 -42.51 13.10 -26.88
N ALA A 140 -43.27 14.03 -26.32
CA ALA A 140 -44.42 14.64 -26.99
C ALA A 140 -45.25 13.57 -27.71
N LEU A 141 -45.77 12.64 -26.90
CA LEU A 141 -46.58 11.56 -27.44
C LEU A 141 -47.79 12.14 -28.17
N ASP A 142 -48.04 11.64 -29.38
CA ASP A 142 -49.12 12.15 -30.22
C ASP A 142 -50.44 11.52 -29.81
N ILE A 143 -51.39 12.36 -29.36
CA ILE A 143 -52.65 11.84 -28.84
C ILE A 143 -53.53 11.22 -29.93
N ASN A 144 -53.32 11.61 -31.19
CA ASN A 144 -54.24 11.21 -32.25
C ASN A 144 -54.48 9.70 -32.29
N SER A 145 -53.47 8.90 -31.97
CA SER A 145 -53.60 7.46 -32.12
C SER A 145 -54.65 6.87 -31.18
N TYR A 146 -54.89 7.51 -30.04
CA TYR A 146 -55.80 7.00 -29.03
C TYR A 146 -57.12 7.76 -28.99
N PHE A 147 -57.28 8.80 -29.81
CA PHE A 147 -58.43 9.67 -29.71
C PHE A 147 -59.73 8.93 -30.00
N ALA A 148 -59.67 7.88 -30.82
CA ALA A 148 -60.88 7.16 -31.21
C ALA A 148 -61.34 6.17 -30.15
N THR A 149 -60.42 5.67 -29.32
CA THR A 149 -60.78 4.73 -28.28
C THR A 149 -61.62 5.42 -27.21
N THR A 150 -62.88 5.00 -27.07
CA THR A 150 -63.78 5.65 -26.12
C THR A 150 -63.60 5.12 -24.70
N ASN A 151 -63.37 3.81 -24.54
CA ASN A 151 -63.11 3.27 -23.22
C ASN A 151 -61.87 3.93 -22.61
N GLN A 152 -62.03 4.52 -21.43
CA GLN A 152 -60.96 5.31 -20.85
C GLN A 152 -59.83 4.43 -20.31
N GLU A 153 -60.16 3.35 -19.61
CA GLU A 153 -59.11 2.45 -19.15
C GLU A 153 -58.43 1.76 -20.33
N GLU A 154 -59.20 1.42 -21.36
CA GLU A 154 -58.59 0.87 -22.58
C GLU A 154 -57.65 1.88 -23.22
N ARG A 155 -57.93 3.17 -23.07
CA ARG A 155 -57.07 4.20 -23.62
C ARG A 155 -55.78 4.34 -22.82
N LYS A 156 -55.90 4.38 -21.48
CA LYS A 156 -54.72 4.44 -20.63
C LYS A 156 -53.80 3.25 -20.87
N LEU A 157 -54.36 2.06 -21.00
CA LEU A 157 -53.54 0.88 -21.26
C LEU A 157 -52.76 1.03 -22.56
N ALA A 158 -53.43 1.49 -23.61
CA ALA A 158 -52.78 1.67 -24.90
C ALA A 158 -51.65 2.69 -24.82
N ILE A 159 -51.86 3.78 -24.07
CA ILE A 159 -50.83 4.80 -23.92
C ILE A 159 -49.63 4.23 -23.17
N LYS A 160 -49.89 3.56 -22.04
CA LYS A 160 -48.81 2.97 -21.25
C LYS A 160 -47.97 2.01 -22.09
N ILE A 161 -48.63 1.11 -22.82
CA ILE A 161 -47.90 0.13 -23.63
C ILE A 161 -47.04 0.84 -24.67
N ASP A 162 -47.51 1.95 -25.22
CA ASP A 162 -46.72 2.69 -26.19
C ASP A 162 -45.51 3.37 -25.53
N LEU A 163 -45.69 3.87 -24.32
CA LEU A 163 -44.59 4.56 -23.64
C LEU A 163 -43.50 3.58 -23.23
N LEU A 164 -43.87 2.39 -22.75
CA LEU A 164 -42.87 1.44 -22.30
C LEU A 164 -42.02 0.91 -23.46
N ASN A 165 -42.60 0.81 -24.66
CA ASN A 165 -41.84 0.41 -25.84
C ASN A 165 -41.09 1.57 -26.48
N GLN A 166 -41.13 2.75 -25.87
CA GLN A 166 -40.50 3.94 -26.42
C GLN A 166 -39.43 4.54 -25.52
N VAL A 167 -39.47 4.26 -24.22
CA VAL A 167 -38.51 4.81 -23.26
C VAL A 167 -37.58 3.68 -22.84
N THR A 168 -36.28 3.88 -23.03
CA THR A 168 -35.29 2.90 -22.61
C THR A 168 -34.94 3.10 -21.14
N ASP A 169 -34.54 2.00 -20.49
CA ASP A 169 -34.16 2.10 -19.10
C ASP A 169 -32.94 2.99 -18.92
N ASP A 170 -32.08 3.07 -19.95
CA ASP A 170 -30.91 3.93 -19.85
C ASP A 170 -31.31 5.40 -19.76
N SER A 171 -32.28 5.83 -20.57
CA SER A 171 -32.74 7.21 -20.51
C SER A 171 -33.27 7.54 -19.13
N VAL A 172 -34.05 6.63 -18.54
CA VAL A 172 -34.56 6.86 -17.18
C VAL A 172 -33.41 6.94 -16.19
N LYS A 173 -32.39 6.09 -16.37
CA LYS A 173 -31.25 6.12 -15.46
C LYS A 173 -30.54 7.47 -15.51
N SER A 174 -30.37 8.02 -16.72
CA SER A 174 -29.78 9.34 -16.85
C SER A 174 -30.66 10.41 -16.19
N ALA A 175 -31.98 10.28 -16.34
CA ALA A 175 -32.88 11.25 -15.72
C ALA A 175 -32.83 11.16 -14.21
N LEU A 176 -32.76 9.94 -13.66
CA LEU A 176 -32.64 9.80 -12.21
C LEU A 176 -31.30 10.34 -11.72
N ALA A 177 -30.22 10.09 -12.47
CA ALA A 177 -28.92 10.64 -12.12
C ALA A 177 -28.97 12.16 -12.06
N ASN A 178 -29.68 12.79 -13.02
CA ASN A 178 -29.75 14.25 -13.03
C ASN A 178 -30.39 14.79 -11.76
N GLN A 179 -31.24 13.99 -11.11
CA GLN A 179 -31.87 14.44 -9.87
C GLN A 179 -30.92 14.41 -8.68
N ILE A 180 -29.83 13.64 -8.76
CA ILE A 180 -28.84 13.59 -7.69
C ILE A 180 -27.47 13.90 -8.28
N GLN A 181 -27.41 14.94 -9.12
CA GLN A 181 -26.17 15.26 -9.82
C GLN A 181 -25.04 15.55 -8.86
N GLU A 182 -25.30 16.33 -7.81
CA GLU A 182 -24.25 16.74 -6.88
C GLU A 182 -23.92 15.68 -5.85
N SER A 183 -24.89 14.82 -5.51
CA SER A 183 -24.67 13.84 -4.45
C SER A 183 -23.71 12.73 -4.89
N LEU A 184 -23.71 12.38 -6.18
CA LEU A 184 -22.79 11.38 -6.68
C LEU A 184 -21.35 11.78 -6.37
N GLY A 185 -20.53 10.78 -6.06
CA GLY A 185 -19.13 11.03 -5.77
C GLY A 185 -18.85 11.26 -4.30
N GLY A 186 -17.74 10.72 -3.81
CA GLY A 186 -17.35 10.84 -2.42
C GLY A 186 -16.10 11.67 -2.23
N THR A 187 -15.75 11.87 -0.96
CA THR A 187 -14.55 12.59 -0.57
C THR A 187 -13.82 11.78 0.50
N LEU A 188 -12.61 11.32 0.19
CA LEU A 188 -11.81 10.59 1.17
C LEU A 188 -11.40 11.55 2.29
N PRO A 189 -11.74 11.26 3.54
CA PRO A 189 -11.31 12.14 4.63
C PRO A 189 -9.80 12.30 4.63
N SER A 190 -9.34 13.52 4.92
CA SER A 190 -7.92 13.84 4.88
C SER A 190 -7.14 13.22 6.04
N GLU A 191 -7.82 12.66 7.04
CA GLU A 191 -7.12 12.10 8.19
C GLU A 191 -6.27 10.89 7.81
N TYR A 192 -6.65 10.16 6.77
CA TYR A 192 -5.83 9.03 6.34
C TYR A 192 -4.45 9.51 5.89
N GLU A 193 -4.41 10.50 5.00
CA GLU A 193 -3.12 11.03 4.56
C GLU A 193 -2.35 11.64 5.72
N THR A 194 -3.07 12.26 6.67
CA THR A 194 -2.39 12.89 7.80
C THR A 194 -1.66 11.85 8.65
N GLU A 195 -2.30 10.70 8.89
CA GLU A 195 -1.65 9.65 9.67
C GLU A 195 -0.47 9.06 8.92
N ILE A 196 -0.65 8.78 7.63
CA ILE A 196 0.44 8.23 6.82
C ILE A 196 1.65 9.16 6.84
N ALA A 197 1.42 10.47 6.62
CA ALA A 197 2.54 11.40 6.62
C ALA A 197 3.23 11.45 7.97
N SER A 198 2.49 11.30 9.06
CA SER A 198 3.10 11.25 10.38
C SER A 198 4.07 10.08 10.49
N LEU A 199 3.61 8.89 10.10
CA LEU A 199 4.48 7.72 10.09
C LEU A 199 5.70 7.94 9.22
N GLY A 201 7.20 10.56 8.41
CA GLY A 201 8.08 11.64 8.81
C GLY A 201 9.39 11.18 9.41
N SER A 202 9.43 9.95 9.93
CA SER A 202 10.64 9.40 10.52
C SER A 202 11.12 8.17 9.76
N VAL A 203 10.78 8.07 8.47
CA VAL A 203 11.18 6.95 7.64
C VAL A 203 11.98 7.47 6.45
N ASP A 204 12.94 6.67 6.01
CA ASP A 204 13.78 6.97 4.86
C ASP A 204 13.32 6.11 3.70
N VAL A 205 12.79 6.74 2.64
CA VAL A 205 12.15 6.00 1.56
C VAL A 205 13.10 5.66 0.41
N ALA A 206 14.31 6.21 0.40
CA ALA A 206 15.30 5.87 -0.61
C ALA A 206 15.78 4.45 -0.37
N ALA A 207 15.31 3.51 -1.20
CA ALA A 207 15.63 2.10 -0.99
C ALA A 207 17.11 1.81 -1.17
N SER A 208 17.78 2.55 -2.06
CA SER A 208 19.20 2.31 -2.28
C SER A 208 20.01 2.44 -1.00
N ASP A 209 19.62 3.38 -0.12
CA ASP A 209 20.32 3.55 1.14
C ASP A 209 20.25 2.33 2.04
N TYR A 210 19.47 1.32 1.67
CA TYR A 210 19.33 0.10 2.47
C TYR A 210 20.22 -1.04 1.98
N ALA A 211 20.88 -0.87 0.83
CA ALA A 211 21.63 -1.97 0.21
C ALA A 211 22.59 -2.62 1.20
N THR A 212 23.51 -1.82 1.76
CA THR A 212 24.52 -2.38 2.65
C THR A 212 23.88 -3.07 3.85
N LEU A 213 22.92 -2.41 4.49
CA LEU A 213 22.22 -3.01 5.63
C LEU A 213 21.60 -4.35 5.25
N PHE A 214 20.85 -4.38 4.15
CA PHE A 214 20.23 -5.63 3.72
C PHE A 214 21.29 -6.68 3.37
N SER A 215 22.44 -6.24 2.87
CA SER A 215 23.48 -7.20 2.48
C SER A 215 24.10 -7.86 3.70
N LYS A 216 24.40 -7.07 4.72
CA LYS A 216 24.94 -7.64 5.95
C LYS A 216 23.94 -8.60 6.59
N LEU A 217 22.69 -8.15 6.75
CA LEU A 217 21.67 -8.99 7.37
C LEU A 217 21.48 -10.29 6.59
N GLU A 218 21.73 -10.27 5.29
CA GLU A 218 21.58 -11.47 4.48
C GLU A 218 22.82 -12.36 4.56
N GLU A 219 24.00 -11.76 4.77
CA GLU A 219 25.20 -12.56 4.96
C GLU A 219 25.18 -13.31 6.28
N GLY A 221 22.63 -14.53 7.75
CA GLY A 221 21.46 -15.39 7.84
C GLY A 221 20.30 -14.80 8.61
N ALA A 222 20.29 -13.49 8.83
CA ALA A 222 19.29 -12.85 9.67
C ALA A 222 18.06 -12.40 8.90
N THR A 224 15.85 -13.31 4.98
CA THR A 224 15.78 -14.05 3.74
C THR A 224 15.83 -13.11 2.54
N SER A 225 15.99 -13.69 1.36
CA SER A 225 16.08 -12.89 0.14
C SER A 225 14.71 -12.33 -0.26
N ASP A 226 13.64 -13.07 0.04
CA ASP A 226 12.30 -12.56 -0.26
C ASP A 226 11.92 -11.41 0.66
N GLU A 227 12.31 -11.48 1.93
CA GLU A 227 12.07 -10.36 2.83
C GLU A 227 12.74 -9.09 2.31
N VAL A 228 13.95 -9.22 1.76
CA VAL A 228 14.63 -8.06 1.20
C VAL A 228 13.93 -7.57 -0.06
N SER A 229 13.36 -8.49 -0.83
CA SER A 229 12.66 -8.09 -2.04
C SER A 229 11.36 -7.37 -1.70
N ASP A 230 10.66 -7.82 -0.66
CA ASP A 230 9.40 -7.19 -0.29
C ASP A 230 9.62 -5.80 0.29
N TYR A 231 10.59 -5.66 1.20
CA TYR A 231 10.87 -4.34 1.77
C TYR A 231 11.27 -3.35 0.70
N GLN A 232 11.91 -3.83 -0.37
CA GLN A 232 12.24 -2.95 -1.48
C GLN A 232 11.01 -2.55 -2.28
N SER A 233 10.02 -3.46 -2.39
CA SER A 233 8.76 -3.10 -3.02
C SER A 233 7.98 -2.10 -2.18
N LYS A 234 7.87 -2.36 -0.87
CA LYS A 234 7.17 -1.43 0.01
C LYS A 234 7.84 -0.07 0.01
N LEU A 235 9.18 -0.04 0.00
CA LEU A 235 9.88 1.24 -0.06
C LEU A 235 9.60 1.94 -1.38
N ALA A 236 9.51 1.18 -2.48
CA ALA A 236 9.18 1.79 -3.76
C ALA A 236 7.81 2.44 -3.72
N LEU A 237 6.85 1.80 -3.03
CA LEU A 237 5.50 2.35 -2.93
C LEU A 237 5.48 3.61 -2.09
N LEU A 238 6.17 3.60 -0.94
CA LEU A 238 6.27 4.81 -0.14
C LEU A 238 6.86 5.97 -0.94
N GLY A 239 7.74 5.67 -1.89
CA GLY A 239 8.26 6.71 -2.76
C GLY A 239 7.19 7.29 -3.66
N LYS A 240 6.35 6.42 -4.24
CA LYS A 240 5.26 6.90 -5.08
C LYS A 240 4.34 7.84 -4.30
N TYR A 241 3.99 7.46 -3.08
CA TYR A 241 3.12 8.29 -2.26
C TYR A 241 3.79 9.61 -1.90
N LYS A 242 5.06 9.55 -1.46
CA LYS A 242 5.78 10.78 -1.11
C LYS A 242 5.89 11.71 -2.30
N SER A 243 6.08 11.16 -3.50
CA SER A 243 6.17 12.00 -4.68
C SER A 243 4.81 12.50 -5.14
N ALA A 244 3.73 11.74 -4.91
CA ALA A 244 2.40 12.18 -5.32
C ALA A 244 1.87 13.26 -4.39
N LYS A 245 1.96 13.03 -3.08
CA LYS A 245 1.66 14.06 -2.10
C LYS A 245 2.93 14.88 -1.86
N GLY A 246 2.94 15.66 -0.78
CA GLY A 246 4.16 16.38 -0.43
C GLY A 246 4.69 15.97 0.92
N VAL A 247 5.17 14.73 1.03
CA VAL A 247 5.52 14.14 2.31
C VAL A 247 6.98 14.41 2.62
N THR A 248 7.24 15.10 3.72
CA THR A 248 8.60 15.25 4.24
C THR A 248 9.02 13.96 4.94
N THR A 249 10.23 13.47 4.62
CA THR A 249 10.77 12.24 5.21
C THR A 249 12.17 12.51 5.75
N VAL A 250 12.78 11.46 6.29
CA VAL A 250 14.12 11.54 6.86
C VAL A 250 15.10 10.90 5.89
N SER A 251 16.37 11.30 5.98
CA SER A 251 17.40 10.84 5.06
C SER A 251 18.66 10.44 5.82
N GLY A 252 18.98 9.15 5.81
CA GLY A 252 20.25 8.68 6.32
C GLY A 252 20.12 7.97 7.66
N ALA A 253 21.13 7.15 7.95
CA ALA A 253 21.21 6.40 9.20
C ALA A 253 22.50 5.61 9.28
N THR A 254 23.12 5.55 10.45
CA THR A 254 24.32 4.75 10.65
C THR A 254 24.02 3.58 11.58
N TYR A 255 24.67 2.45 11.31
CA TYR A 255 24.50 1.24 12.10
C TYR A 255 25.87 0.77 12.59
N SER A 256 26.04 0.72 13.91
CA SER A 256 27.31 0.29 14.48
C SER A 256 27.77 -1.05 13.91
N PHE A 257 26.89 -2.05 13.90
CA PHE A 257 27.30 -3.41 13.60
C PHE A 257 27.88 -3.58 12.20
N LEU A 258 27.82 -2.55 11.35
CA LEU A 258 28.41 -2.68 10.02
C LEU A 258 29.93 -2.49 10.03
N THR A 259 30.48 -1.95 11.13
CA THR A 259 31.92 -1.76 11.24
C THR A 259 32.48 -2.35 12.53
N ALA A 260 31.75 -3.27 13.17
CA ALA A 260 32.22 -3.88 14.40
C ALA A 260 33.31 -4.90 14.08
N GLU A 261 34.43 -4.80 14.79
CA GLU A 261 35.57 -5.69 14.60
C GLU A 261 35.89 -6.41 15.90
N ASP A 262 36.19 -7.71 15.79
CA ASP A 262 36.64 -8.47 16.93
C ASP A 262 38.09 -8.11 17.26
N ALA A 263 38.48 -8.32 18.51
CA ALA A 263 39.88 -8.19 18.87
C ALA A 263 40.73 -9.10 17.98
N LYS A 264 41.97 -8.68 17.75
CA LYS A 264 42.92 -9.48 16.98
C LYS A 264 44.12 -9.82 17.86
N PRO A 265 44.22 -11.05 18.36
CA PRO A 265 45.35 -11.40 19.22
C PRO A 265 46.64 -11.52 18.44
N GLU A 266 47.75 -11.35 19.15
CA GLU A 266 49.06 -11.41 18.52
C GLU A 266 49.43 -12.85 18.20
N GLN A 267 49.87 -13.08 16.95
CA GLN A 267 50.16 -14.44 16.50
C GLN A 267 51.50 -14.94 17.01
N SER A 268 52.48 -14.06 17.21
CA SER A 268 53.78 -14.41 17.76
C SER A 268 53.97 -13.77 19.12
N ASN A 269 54.78 -14.41 19.95
CA ASN A 269 55.13 -13.85 21.25
C ASN A 269 56.45 -14.48 21.69
N VAL A 270 57.04 -13.90 22.72
CA VAL A 270 58.34 -14.32 23.23
C VAL A 270 58.27 -14.37 24.76
N ILE A 271 59.08 -15.26 25.34
CA ILE A 271 59.14 -15.43 26.78
C ILE A 271 60.59 -15.64 27.17
N SER A 272 60.86 -15.48 28.47
CA SER A 272 62.21 -15.56 28.99
C SER A 272 62.23 -16.46 30.22
N VAL A 273 63.10 -17.47 30.19
CA VAL A 273 63.24 -18.42 31.29
C VAL A 273 64.65 -18.32 31.84
N ASP A 274 64.80 -18.61 33.14
CA ASP A 274 66.09 -18.58 33.82
C ASP A 274 66.57 -20.02 33.99
N VAL A 275 67.56 -20.41 33.19
CA VAL A 275 68.13 -21.74 33.26
C VAL A 275 69.44 -21.69 34.03
N ALA A 276 69.85 -22.84 34.55
CA ALA A 276 71.08 -22.97 35.31
C ALA A 276 71.59 -24.40 35.19
N PRO A 277 72.91 -24.60 35.07
CA PRO A 277 73.44 -25.95 34.97
C PRO A 277 73.22 -26.75 36.24
N THR A 278 73.33 -28.07 36.12
CA THR A 278 73.24 -28.97 37.26
C THR A 278 74.65 -29.23 37.77
N SER A 279 74.95 -28.74 38.97
CA SER A 279 76.26 -28.89 39.59
C SER A 279 76.74 -30.35 39.54
N THR A 322 84.19 -26.86 41.27
CA THR A 322 83.54 -26.10 40.22
C THR A 322 83.07 -27.03 39.10
N LYS A 323 82.68 -28.24 39.49
CA LYS A 323 82.19 -29.24 38.53
C LYS A 323 80.73 -28.95 38.16
N GLU A 324 80.52 -27.78 37.54
CA GLU A 324 79.23 -27.39 36.98
C GLU A 324 79.20 -27.80 35.52
N ASP A 325 78.86 -29.06 35.29
CA ASP A 325 79.00 -29.66 33.97
C ASP A 325 78.04 -29.04 32.97
N PRO A 326 78.33 -29.19 31.67
CA PRO A 326 77.41 -28.68 30.65
C PRO A 326 76.03 -29.32 30.78
N THR A 327 75.00 -28.51 30.53
CA THR A 327 73.62 -28.94 30.64
C THR A 327 72.85 -28.50 29.40
N THR A 328 72.19 -29.44 28.74
CA THR A 328 71.54 -29.20 27.46
C THR A 328 70.05 -28.92 27.68
N VAL A 329 69.59 -27.78 27.17
CA VAL A 329 68.20 -27.37 27.27
C VAL A 329 67.58 -27.45 25.88
N THR A 330 66.37 -28.02 25.80
CA THR A 330 65.75 -28.31 24.50
C THR A 330 64.25 -28.02 24.55
N ILE A 331 63.66 -28.02 23.37
CA ILE A 331 62.22 -27.84 23.16
C ILE A 331 61.73 -29.05 22.39
N SER A 332 60.84 -29.84 22.99
CA SER A 332 60.39 -31.08 22.38
C SER A 332 58.87 -31.16 22.37
N ASN A 333 58.36 -32.01 21.47
CA ASN A 333 56.94 -32.36 21.40
C ASN A 333 56.06 -31.12 21.22
N VAL A 334 56.41 -30.30 20.24
CA VAL A 334 55.67 -29.09 19.92
C VAL A 334 54.49 -29.44 19.02
N SER A 335 53.38 -28.76 19.23
CA SER A 335 52.23 -28.82 18.34
C SER A 335 51.47 -27.51 18.43
N GLY A 336 50.74 -27.18 17.37
CA GLY A 336 49.96 -25.95 17.32
C GLY A 336 50.68 -24.75 16.76
N GLY A 337 51.97 -24.90 16.40
CA GLY A 337 52.74 -23.78 15.92
C GLY A 337 54.21 -24.15 15.92
N THR A 338 55.05 -23.13 15.87
CA THR A 338 56.51 -23.31 15.92
C THR A 338 57.05 -22.66 17.17
N VAL A 339 57.87 -23.42 17.92
CA VAL A 339 58.48 -22.93 19.14
C VAL A 339 59.99 -23.16 19.02
N VAL A 340 60.76 -22.08 19.15
CA VAL A 340 62.20 -22.11 18.91
C VAL A 340 62.86 -21.04 19.75
N PHE A 341 64.14 -21.26 20.08
CA PHE A 341 64.91 -20.24 20.78
C PHE A 341 65.12 -19.03 19.87
N ALA A 342 64.99 -17.84 20.46
CA ALA A 342 64.84 -16.63 19.65
C ALA A 342 66.12 -16.29 18.88
N ASP A 343 67.28 -16.50 19.48
CA ASP A 343 68.51 -16.02 18.86
C ASP A 343 69.06 -17.00 17.81
N ASP A 344 68.85 -18.30 18.00
CA ASP A 344 69.44 -19.31 17.12
C ASP A 344 68.46 -19.87 16.11
N ASN A 345 67.16 -19.66 16.29
CA ASN A 345 66.13 -20.44 15.59
C ASN A 345 66.32 -21.93 15.86
N SER A 346 66.96 -22.26 16.97
CA SER A 346 67.29 -23.62 17.34
C SER A 346 66.31 -24.15 18.36
N VAL A 347 66.35 -25.47 18.55
CA VAL A 347 65.51 -26.15 19.52
C VAL A 347 66.31 -26.81 20.63
N SER A 348 67.64 -26.75 20.56
CA SER A 348 68.50 -27.39 21.55
C SER A 348 69.65 -26.46 21.90
N LYS A 349 69.89 -26.30 23.20
CA LYS A 349 70.99 -25.49 23.69
C LYS A 349 71.71 -26.21 24.81
N THR A 350 73.01 -25.92 24.95
CA THR A 350 73.83 -26.43 26.04
C THR A 350 74.47 -25.25 26.75
N ILE A 351 74.31 -25.19 28.08
CA ILE A 351 74.82 -24.09 28.87
C ILE A 351 75.79 -24.64 29.91
N SER A 352 76.55 -23.72 30.52
CA SER A 352 77.41 -24.07 31.65
C SER A 352 77.38 -23.01 32.74
N LYS A 353 76.36 -22.15 32.76
CA LYS A 353 76.26 -21.09 33.75
C LYS A 353 74.83 -20.57 33.79
N ALA A 354 74.45 -20.01 34.94
CA ALA A 354 73.13 -19.41 35.07
C ALA A 354 72.91 -18.37 33.98
N GLN A 355 71.71 -18.34 33.43
CA GLN A 355 71.50 -17.63 32.17
C GLN A 355 70.00 -17.47 31.93
N SER A 356 69.66 -16.56 31.03
CA SER A 356 68.29 -16.34 30.58
C SER A 356 68.18 -16.71 29.11
N LEU A 357 67.10 -17.41 28.76
CA LEU A 357 66.85 -17.82 27.38
C LEU A 357 65.51 -17.27 26.93
N LYS A 358 65.45 -16.84 25.68
CA LYS A 358 64.25 -16.29 25.08
C LYS A 358 63.68 -17.30 24.09
N ILE A 359 62.38 -17.54 24.18
CA ILE A 359 61.70 -18.53 23.34
C ILE A 359 60.62 -17.84 22.55
N SER A 360 60.66 -18.00 21.23
CA SER A 360 59.64 -17.46 20.33
C SER A 360 58.67 -18.58 19.96
N TYR A 361 57.37 -18.31 20.12
CA TYR A 361 56.35 -19.23 19.68
C TYR A 361 55.38 -18.51 18.75
N THR A 362 54.87 -19.26 17.77
CA THR A 362 54.03 -18.70 16.73
C THR A 362 52.90 -19.69 16.45
N PHE A 363 51.66 -19.30 16.74
CA PHE A 363 50.52 -20.12 16.38
C PHE A 363 50.51 -20.36 14.87
N ASP A 364 49.89 -21.47 14.46
CA ASP A 364 49.91 -21.82 13.05
C ASP A 364 49.03 -20.90 12.21
N SER A 365 47.98 -20.33 12.80
CA SER A 365 47.11 -19.42 12.07
C SER A 365 46.38 -18.52 13.06
N LEU A 366 45.75 -17.48 12.51
CA LEU A 366 44.88 -16.58 13.27
C LEU A 366 43.41 -16.77 12.91
N SER A 367 43.05 -17.94 12.37
CA SER A 367 41.68 -18.17 11.97
C SER A 367 40.75 -18.19 13.18
N VAL A 368 39.44 -18.11 12.89
CA VAL A 368 38.45 -18.03 13.95
C VAL A 368 38.46 -19.32 14.78
N GLY A 369 38.38 -19.17 16.09
CA GLY A 369 38.42 -20.29 17.01
C GLY A 369 39.57 -20.18 18.00
N THR A 370 39.69 -21.22 18.82
CA THR A 370 40.72 -21.27 19.85
C THR A 370 41.95 -21.98 19.32
N HIS A 371 43.12 -21.38 19.56
CA HIS A 371 44.40 -21.95 19.16
C HIS A 371 45.24 -22.20 20.39
N THR A 372 45.88 -23.37 20.43
CA THR A 372 46.68 -23.77 21.58
C THR A 372 48.00 -24.37 21.11
N ILE A 373 49.10 -23.86 21.68
CA ILE A 373 50.43 -24.43 21.49
C ILE A 373 50.80 -25.21 22.74
N THR A 374 51.33 -26.41 22.56
CA THR A 374 51.88 -27.20 23.66
C THR A 374 53.27 -27.68 23.30
N LEU A 375 54.16 -27.66 24.29
CA LEU A 375 55.51 -28.17 24.13
C LEU A 375 56.02 -28.67 25.47
N ASP A 376 57.20 -29.30 25.42
CA ASP A 376 57.95 -29.67 26.60
C ASP A 376 59.25 -28.89 26.63
N LEU A 377 59.52 -28.22 27.75
CA LEU A 377 60.80 -27.56 27.98
C LEU A 377 61.66 -28.48 28.83
N ASN A 378 62.76 -28.97 28.25
CA ASN A 378 63.66 -29.90 28.92
C ASN A 378 64.90 -29.16 29.38
N ILE A 379 65.13 -29.14 30.70
CA ILE A 379 66.36 -28.63 31.30
C ILE A 379 66.98 -29.81 32.03
N GLY A 380 68.01 -30.42 31.44
CA GLY A 380 68.54 -31.63 32.03
C GLY A 380 67.49 -32.72 32.06
N ASP A 381 67.40 -33.41 33.19
CA ASP A 381 66.39 -34.44 33.39
C ASP A 381 65.02 -33.86 33.76
N ASN A 382 64.89 -32.53 33.83
CA ASN A 382 63.62 -31.89 34.13
C ASN A 382 62.83 -31.67 32.84
N ARG A 383 61.55 -32.03 32.85
CA ARG A 383 60.66 -31.83 31.71
C ARG A 383 59.43 -31.06 32.19
N ILE A 384 59.31 -29.81 31.76
CA ILE A 384 58.23 -28.94 32.22
C ILE A 384 57.27 -28.73 31.05
N PRO A 385 56.04 -29.23 31.12
CA PRO A 385 55.08 -29.00 30.03
C PRO A 385 54.64 -27.55 30.02
N THR A 387 52.07 -24.51 27.72
CA THR A 387 50.98 -24.31 26.79
C THR A 387 50.62 -22.84 26.73
N TYR A 388 50.16 -22.41 25.56
CA TYR A 388 49.67 -21.05 25.35
C TYR A 388 48.46 -21.11 24.43
N THR A 389 47.52 -20.21 24.66
CA THR A 389 46.25 -20.23 23.94
C THR A 389 45.86 -18.81 23.55
N ILE A 390 45.22 -18.70 22.39
CA ILE A 390 44.58 -17.46 21.96
C ILE A 390 43.21 -17.79 21.37
N TYR A 391 42.32 -16.81 21.43
CA TYR A 391 40.92 -16.97 21.02
C TYR A 391 40.62 -15.94 19.96
N VAL A 392 40.38 -16.40 18.72
CA VAL A 392 39.95 -15.52 17.65
C VAL A 392 38.43 -15.61 17.57
N THR A 393 37.76 -14.56 18.04
CA THR A 393 36.31 -14.56 18.06
C THR A 393 35.75 -13.94 16.78
N ASP A 394 34.51 -14.35 16.45
CA ASP A 394 33.85 -13.94 15.22
C ASP A 394 32.49 -13.33 15.50
N THR A 395 32.27 -12.82 16.71
CA THR A 395 30.95 -12.45 17.18
C THR A 395 30.79 -10.94 17.43
N ALA A 396 31.72 -10.13 16.90
CA ALA A 396 31.64 -8.69 17.15
C ALA A 396 30.41 -8.09 16.50
N ASP A 397 30.16 -8.42 15.23
CA ASP A 397 29.00 -7.86 14.55
C ASP A 397 27.70 -8.41 15.13
N ASP A 398 27.66 -9.72 15.41
CA ASP A 398 26.50 -10.30 16.06
C ASP A 398 26.16 -9.57 17.35
N VAL A 399 27.16 -9.36 18.21
CA VAL A 399 26.91 -8.72 19.50
C VAL A 399 26.45 -7.28 19.32
N SER A 400 27.02 -6.58 18.34
CA SER A 400 26.67 -5.17 18.15
C SER A 400 25.28 -5.04 17.53
N LEU A 401 24.98 -5.86 16.53
CA LEU A 401 23.65 -5.87 15.95
C LEU A 401 22.58 -5.97 17.03
N VAL A 402 22.72 -6.95 17.93
CA VAL A 402 21.69 -7.21 18.92
C VAL A 402 21.57 -6.05 19.90
N LYS A 403 22.68 -5.56 20.43
CA LYS A 403 22.62 -4.63 21.56
C LYS A 403 22.54 -3.18 21.13
N ASP A 404 23.03 -2.83 19.94
CA ASP A 404 23.02 -1.45 19.49
C ASP A 404 21.89 -1.15 18.50
N ASP A 405 21.77 -1.94 17.44
CA ASP A 405 21.01 -1.53 16.26
C ASP A 405 19.67 -2.23 16.12
N LEU A 406 19.52 -3.45 16.64
CA LEU A 406 18.33 -4.23 16.35
C LEU A 406 17.06 -3.48 16.73
N LYS A 407 17.04 -2.85 17.91
CA LYS A 407 15.85 -2.13 18.35
C LYS A 407 15.49 -1.02 17.39
N THR A 408 16.49 -0.37 16.79
CA THR A 408 16.21 0.65 15.80
C THR A 408 15.75 0.04 14.49
N ILE A 409 16.28 -1.12 14.12
CA ILE A 409 15.87 -1.76 12.88
C ILE A 409 14.43 -2.25 12.97
N PHE A 410 14.06 -2.81 14.12
CA PHE A 410 12.67 -3.24 14.31
C PHE A 410 11.71 -2.07 14.12
N ALA A 411 12.00 -0.94 14.77
CA ALA A 411 11.12 0.23 14.68
C ALA A 411 10.98 0.71 13.25
N GLN A 412 12.09 0.77 12.51
CA GLN A 412 12.02 1.29 11.14
C GLN A 412 11.28 0.35 10.22
N LEU A 413 11.56 -0.96 10.33
CA LEU A 413 10.82 -1.91 9.51
C LEU A 413 9.34 -1.90 9.84
N SER A 414 9.00 -1.66 11.11
CA SER A 414 7.59 -1.61 11.50
C SER A 414 6.89 -0.41 10.87
N LYS A 415 7.53 0.75 10.88
CA LYS A 415 6.95 1.93 10.24
C LYS A 415 6.77 1.70 8.74
N ILE A 416 7.77 1.11 8.09
CA ILE A 416 7.67 0.82 6.66
C ILE A 416 6.49 -0.10 6.39
N ASP A 417 6.32 -1.13 7.22
CA ASP A 417 5.24 -2.08 6.99
C ASP A 417 3.87 -1.44 7.21
N THR A 418 3.73 -0.67 8.30
CA THR A 418 2.45 -0.05 8.60
C THR A 418 2.04 0.92 7.48
N ALA A 419 2.90 1.88 7.17
CA ALA A 419 2.54 2.90 6.18
C ALA A 419 2.31 2.28 4.80
N SER A 420 3.15 1.32 4.41
CA SER A 420 2.97 0.69 3.11
C SER A 420 1.63 -0.05 3.04
N ALA A 421 1.23 -0.70 4.14
CA ALA A 421 -0.04 -1.42 4.15
C ALA A 421 -1.22 -0.47 4.08
N ILE A 423 -1.19 2.56 2.66
CA ILE A 423 -1.21 3.01 1.27
C ILE A 423 -1.81 1.93 0.38
N GLN A 424 -1.35 0.68 0.54
CA GLN A 424 -1.86 -0.41 -0.27
C GLN A 424 -3.37 -0.55 -0.16
N THR A 425 -3.92 -0.37 1.04
CA THR A 425 -5.34 -0.63 1.28
C THR A 425 -6.23 0.49 0.77
N LEU A 426 -5.69 1.71 0.67
CA LEU A 426 -6.46 2.86 0.22
C LEU A 426 -6.38 3.05 -1.29
N TYR A 427 -5.24 2.76 -1.90
CA TYR A 427 -5.04 3.07 -3.32
C TYR A 427 -4.95 1.85 -4.22
N GLY A 428 -4.95 0.65 -3.66
CA GLY A 428 -4.93 -0.55 -4.48
C GLY A 428 -6.33 -1.03 -4.84
N GLU A 429 -6.45 -1.57 -6.04
CA GLU A 429 -7.63 -2.36 -6.37
C GLU A 429 -7.83 -3.40 -5.26
N PRO A 430 -9.06 -3.71 -4.89
CA PRO A 430 -9.28 -4.62 -3.76
C PRO A 430 -8.48 -5.91 -3.94
N GLY A 431 -7.66 -6.23 -2.94
CA GLY A 431 -6.89 -7.47 -2.97
C GLY A 431 -5.63 -7.43 -3.79
N GLN A 432 -5.14 -6.25 -4.16
CA GLN A 432 -3.94 -6.13 -4.97
C GLN A 432 -2.70 -6.36 -4.10
N THR A 433 -1.84 -7.31 -4.51
CA THR A 433 -0.59 -7.56 -3.82
C THR A 433 0.65 -7.10 -4.60
N ASP A 434 0.53 -6.85 -5.89
CA ASP A 434 1.66 -6.36 -6.69
C ASP A 434 1.74 -4.85 -6.54
N LEU A 435 2.54 -4.41 -5.56
CA LEU A 435 2.57 -2.99 -5.18
C LEU A 435 3.01 -2.10 -6.32
N SER A 436 3.78 -2.62 -7.28
CA SER A 436 4.22 -1.77 -8.39
C SER A 436 3.06 -1.27 -9.24
N GLN A 437 1.92 -1.95 -9.21
CA GLN A 437 0.78 -1.61 -10.04
C GLN A 437 -0.12 -0.54 -9.42
N ILE A 438 0.13 -0.16 -8.17
CA ILE A 438 -0.76 0.76 -7.47
C ILE A 438 -0.42 2.19 -7.87
N ASP A 439 -1.44 2.92 -8.35
CA ASP A 439 -1.28 4.30 -8.79
C ASP A 439 -1.88 5.23 -7.74
N ILE A 440 -1.16 6.29 -7.41
CA ILE A 440 -1.57 7.21 -6.35
C ILE A 440 -2.25 8.45 -6.91
N THR A 441 -1.61 9.14 -7.86
CA THR A 441 -2.15 10.40 -8.36
C THR A 441 -3.51 10.19 -9.01
N ASN A 442 -3.71 9.07 -9.71
CA ASN A 442 -4.96 8.73 -10.38
C ASN A 442 -5.45 7.38 -9.84
N PRO A 443 -6.13 7.39 -8.68
CA PRO A 443 -6.58 6.13 -8.09
C PRO A 443 -7.42 5.31 -9.06
N SER A 444 -7.37 3.99 -8.88
CA SER A 444 -8.14 3.09 -9.73
C SER A 444 -9.61 3.07 -9.29
N ALA A 445 -10.47 2.63 -10.21
CA ALA A 445 -11.92 2.81 -10.05
C ALA A 445 -12.43 2.19 -8.76
N ASN A 446 -11.94 1.00 -8.39
CA ASN A 446 -12.44 0.29 -7.23
C ASN A 446 -11.64 0.56 -5.96
N SER A 447 -10.62 1.41 -6.03
CA SER A 447 -9.82 1.71 -4.86
C SER A 447 -10.68 2.37 -3.78
N VAL A 448 -10.27 2.19 -2.52
CA VAL A 448 -10.95 2.87 -1.43
C VAL A 448 -10.88 4.38 -1.62
N ALA A 449 -9.76 4.87 -2.15
CA ALA A 449 -9.62 6.31 -2.33
C ALA A 449 -10.69 6.86 -3.26
N ASN A 450 -11.17 6.04 -4.18
CA ASN A 450 -12.14 6.49 -5.18
C ASN A 450 -13.57 6.13 -4.84
N TYR A 452 -14.87 5.72 -1.47
CA TYR A 452 -15.33 6.18 -0.17
C TYR A 452 -16.51 7.15 -0.33
N GLY A 453 -17.65 6.78 0.23
CA GLY A 453 -18.85 7.61 0.16
C GLY A 453 -19.23 7.99 -1.25
N ASN A 454 -19.04 7.09 -2.21
CA ASN A 454 -19.20 7.38 -3.62
C ASN A 454 -20.25 6.45 -4.22
N LEU A 455 -21.42 7.02 -4.53
CA LEU A 455 -22.38 6.34 -5.39
C LEU A 455 -22.05 6.71 -6.82
N THR A 456 -21.78 5.71 -7.64
CA THR A 456 -21.44 5.93 -9.04
C THR A 456 -22.69 5.85 -9.90
N PHE A 457 -22.62 6.47 -11.08
CA PHE A 457 -23.72 6.39 -12.03
C PHE A 457 -24.15 4.94 -12.25
N ASP A 458 -23.19 4.02 -12.35
CA ASP A 458 -23.52 2.65 -12.71
C ASP A 458 -24.16 1.91 -11.55
N ASN A 459 -23.68 2.13 -10.33
CA ASN A 459 -24.21 1.42 -9.17
C ASN A 459 -25.60 1.88 -8.77
N ILE A 460 -26.18 2.87 -9.46
CA ILE A 460 -27.57 3.21 -9.22
C ILE A 460 -28.43 1.98 -9.47
N ASP A 461 -29.15 1.55 -8.44
CA ASP A 461 -29.81 0.26 -8.49
C ASP A 461 -30.83 0.19 -9.63
N GLY A 462 -30.95 -0.98 -10.24
CA GLY A 462 -31.90 -1.16 -11.32
C GLY A 462 -33.35 -1.04 -10.88
N LEU A 463 -33.65 -1.47 -9.65
CA LEU A 463 -35.02 -1.38 -9.16
C LEU A 463 -35.45 0.07 -9.01
N ASP A 464 -34.53 0.95 -8.57
CA ASP A 464 -34.86 2.36 -8.47
C ASP A 464 -35.17 2.95 -9.84
N VAL A 465 -34.39 2.56 -10.86
CA VAL A 465 -34.66 3.03 -12.22
C VAL A 465 -36.02 2.53 -12.69
N THR A 466 -36.35 1.28 -12.36
CA THR A 466 -37.65 0.73 -12.73
C THR A 466 -38.79 1.51 -12.09
N ASN A 467 -38.70 1.72 -10.78
CA ASN A 467 -39.76 2.43 -10.06
C ASN A 467 -39.85 3.88 -10.50
N PHE A 468 -38.70 4.50 -10.82
CA PHE A 468 -38.72 5.86 -11.35
C PHE A 468 -39.39 5.89 -12.72
N LYS A 469 -39.06 4.93 -13.58
CA LYS A 469 -39.72 4.81 -14.87
C LYS A 469 -41.22 4.63 -14.68
N GLU A 470 -41.63 3.84 -13.69
CA GLU A 470 -43.05 3.59 -13.47
C GLU A 470 -43.78 4.84 -13.00
N SER A 471 -43.12 5.66 -12.19
CA SER A 471 -43.75 6.90 -11.74
C SER A 471 -43.96 7.86 -12.90
N GLY A 472 -42.94 8.03 -13.74
CA GLY A 472 -43.07 8.91 -14.88
C GLY A 472 -44.13 8.45 -15.87
N VAL A 473 -44.19 7.15 -16.13
CA VAL A 473 -45.17 6.63 -17.08
C VAL A 473 -46.58 6.85 -16.57
N THR A 474 -46.81 6.62 -15.28
CA THR A 474 -48.13 6.87 -14.71
C THR A 474 -48.51 8.33 -14.84
N LEU A 475 -47.62 9.24 -14.44
CA LEU A 475 -47.90 10.66 -14.57
C LEU A 475 -48.11 11.05 -16.03
N TYR A 476 -47.21 10.62 -16.90
CA TYR A 476 -47.34 10.99 -18.32
C TYR A 476 -48.62 10.41 -18.92
N THR A 477 -48.94 9.16 -18.57
CA THR A 477 -50.17 8.54 -19.10
C THR A 477 -51.40 9.36 -18.70
N GLU A 478 -51.51 9.70 -17.42
CA GLU A 478 -52.69 10.42 -16.94
C GLU A 478 -52.79 11.81 -17.56
N LEU A 479 -51.64 12.47 -17.76
CA LEU A 479 -51.66 13.78 -18.41
C LEU A 479 -52.04 13.67 -19.87
N THR A 480 -51.57 12.63 -20.56
CA THR A 480 -51.98 12.43 -21.95
C THR A 480 -53.47 12.14 -22.03
N ASN A 481 -53.96 11.27 -21.14
CA ASN A 481 -55.39 10.96 -21.13
C ASN A 481 -56.23 12.20 -20.85
N GLU A 482 -55.72 13.10 -20.00
CA GLU A 482 -56.47 14.32 -19.71
C GLU A 482 -56.51 15.25 -20.91
N ILE A 483 -55.40 15.34 -21.65
CA ILE A 483 -55.39 16.14 -22.87
C ILE A 483 -56.44 15.62 -23.85
N ILE A 484 -56.53 14.30 -23.99
CA ILE A 484 -57.50 13.72 -24.91
C ILE A 484 -58.92 14.11 -24.50
N GLU A 485 -59.22 14.02 -23.20
CA GLU A 485 -60.56 14.37 -22.75
C GLU A 485 -60.83 15.86 -22.92
N LEU A 486 -59.83 16.71 -22.66
CA LEU A 486 -60.04 18.14 -22.85
C LEU A 486 -60.28 18.48 -24.31
N GLN A 487 -59.52 17.88 -25.22
CA GLN A 487 -59.77 18.11 -26.64
C GLN A 487 -61.14 17.59 -27.04
N SER A 488 -61.55 16.45 -26.48
CA SER A 488 -62.85 15.87 -26.85
C SER A 488 -63.99 16.82 -26.50
N THR A 489 -63.97 17.37 -25.28
CA THR A 489 -65.03 18.29 -24.88
C THR A 489 -64.95 19.60 -25.65
N ILE A 490 -63.74 20.10 -25.91
CA ILE A 490 -63.60 21.28 -26.76
C ILE A 490 -64.24 21.02 -28.12
N ASP A 491 -63.86 19.90 -28.75
CA ASP A 491 -64.46 19.54 -30.03
C ASP A 491 -65.99 19.42 -29.90
N SER A 492 -66.45 18.60 -28.95
CA SER A 492 -67.89 18.42 -28.72
C SER A 492 -68.41 19.57 -27.84
N LEU A 493 -68.55 20.73 -28.47
CA LEU A 493 -69.01 21.95 -27.80
C LEU A 493 -69.49 22.95 -28.85
N PRO A 494 -70.81 23.06 -29.06
CA PRO A 494 -71.41 23.93 -30.09
C PRO A 494 -71.62 25.36 -29.63
#